data_9MW4
#
_entry.id   9MW4
#
_cell.length_a   77.193
_cell.length_b   77.193
_cell.length_c   149.563
_cell.angle_alpha   90.000
_cell.angle_beta   90.000
_cell.angle_gamma   90.000
#
_symmetry.space_group_name_H-M   'P 43 2 2'
#
loop_
_entity.id
_entity.type
_entity.pdbx_description
1 polymer 'ORF1ab polyprotein'
2 non-polymer N-[(2S)-1-({(2S,3S)-3,4-dihydroxy-1-[(3S)-2-oxopyrrolidin-3-yl]butan-2-yl}amino)-4-methyl-1-oxopentan-2-yl]-4-methoxy-1H-indole-2-carboxamide
3 non-polymer 'ACETIC ACID'
4 non-polymer 'TETRAETHYLENE GLYCOL'
5 non-polymer 1,2-ETHANEDIOL
6 non-polymer DI(HYDROXYETHYL)ETHER
7 water water
#
_entity_poly.entity_id   1
_entity_poly.type   'polypeptide(L)'
_entity_poly.pdbx_seq_one_letter_code
;SGLRKMAQPSGIVEPCIVRVAYGSNVLNGLWIGDEVICPRHVIASDTSRVINYDNELSSVRLHNFSIAKNNVFLGVVSAK
YKGVNLVLKVNQVNPNTPAHKFKSVKPGESFNILACYEGCPGSVYGVNMRSQGTIKGSFIAGTCGSVGYVLENGILYFVY
MHHLELGNGSHVGSNLEGEMYGGYEDQPSMQLEGTNVMSSDNVVAFLYAALINGERWFVTNASMSLESYNAWAKTNSFTE
IVSTDAFNMLAAKTGYSVEKLLECIVRLNKGFGGRTILSYGSLCDEFTPTEVIRQMYGVN
;
_entity_poly.pdbx_strand_id   A
#
loop_
_chem_comp.id
_chem_comp.type
_chem_comp.name
_chem_comp.formula
ACY non-polymer 'ACETIC ACID' 'C2 H4 O2'
EDO non-polymer 1,2-ETHANEDIOL 'C2 H6 O2'
PEG non-polymer DI(HYDROXYETHYL)ETHER 'C4 H10 O3'
PG4 non-polymer 'TETRAETHYLENE GLYCOL' 'C8 H18 O5'
V2M non-polymer N-[(2S)-1-({(2S,3S)-3,4-dihydroxy-1-[(3S)-2-oxopyrrolidin-3-yl]butan-2-yl}amino)-4-methyl-1-oxopentan-2-yl]-4-methoxy-1H-indole-2-carboxamide 'C24 H34 N4 O6'
#
# COMPACT_ATOMS: atom_id res chain seq x y z
N SER A 1 11.51 -23.28 0.04
CA SER A 1 11.66 -22.38 1.18
C SER A 1 12.09 -20.99 0.73
N GLY A 2 12.29 -20.09 1.69
CA GLY A 2 12.61 -18.70 1.50
C GLY A 2 11.39 -17.83 1.70
N LEU A 3 11.66 -16.56 2.02
CA LEU A 3 10.61 -15.55 2.19
C LEU A 3 11.02 -14.30 1.44
N ARG A 4 10.18 -13.91 0.49
CA ARG A 4 10.39 -12.70 -0.28
C ARG A 4 9.13 -11.87 -0.26
N LYS A 5 9.26 -10.53 -0.17
CA LYS A 5 8.12 -9.65 -0.37
C LYS A 5 7.80 -9.61 -1.85
N MET A 6 6.61 -9.99 -2.19
CA MET A 6 6.19 -10.22 -3.55
C MET A 6 5.02 -9.33 -3.91
N ALA A 7 4.79 -9.21 -5.22
CA ALA A 7 3.57 -8.62 -5.75
C ALA A 7 2.77 -9.65 -6.51
N GLN A 8 1.45 -9.56 -6.48
CA GLN A 8 0.62 -10.35 -7.38
C GLN A 8 0.82 -9.83 -8.80
N PRO A 9 0.66 -10.68 -9.84
CA PRO A 9 1.02 -10.29 -11.20
C PRO A 9 0.25 -9.09 -11.70
N SER A 10 0.90 -8.26 -12.47
CA SER A 10 0.39 -6.96 -12.85
C SER A 10 -0.34 -6.90 -14.20
N GLY A 11 -0.34 -7.97 -14.98
CA GLY A 11 -0.87 -7.89 -16.34
C GLY A 11 -2.27 -7.30 -16.47
N ILE A 12 -3.15 -7.66 -15.55
CA ILE A 12 -4.55 -7.22 -15.66
C ILE A 12 -4.66 -5.72 -15.47
N VAL A 13 -3.69 -5.10 -14.82
CA VAL A 13 -3.72 -3.68 -14.52
C VAL A 13 -2.99 -2.86 -15.56
N GLU A 14 -1.88 -3.35 -16.12
CA GLU A 14 -1.05 -2.58 -17.02
C GLU A 14 -1.80 -1.88 -18.15
N PRO A 15 -2.78 -2.51 -18.79
CA PRO A 15 -3.46 -1.83 -19.92
C PRO A 15 -4.33 -0.66 -19.52
N CYS A 16 -4.48 -0.42 -18.23
CA CYS A 16 -5.32 0.67 -17.70
C CYS A 16 -4.52 1.91 -17.42
N ILE A 17 -3.22 1.89 -17.56
CA ILE A 17 -2.41 3.05 -17.19
C ILE A 17 -2.29 4.00 -18.39
N VAL A 18 -2.55 5.28 -18.17
CA VAL A 18 -2.34 6.35 -19.14
C VAL A 18 -1.50 7.49 -18.58
N ARG A 19 -0.90 8.27 -19.50
CA ARG A 19 -0.25 9.51 -19.19
C ARG A 19 -1.29 10.62 -19.11
N VAL A 20 -1.29 11.38 -18.04
CA VAL A 20 -2.17 12.54 -17.90
C VAL A 20 -1.31 13.74 -17.67
N ALA A 21 -1.43 14.75 -18.54
CA ALA A 21 -0.70 15.98 -18.37
C ALA A 21 -1.63 17.17 -18.47
N TYR A 22 -1.26 18.20 -17.77
CA TYR A 22 -1.98 19.48 -17.80
C TYR A 22 -0.96 20.55 -17.54
N GLY A 23 -0.79 21.45 -18.52
CA GLY A 23 0.25 22.43 -18.38
C GLY A 23 1.60 21.73 -18.31
N SER A 24 2.40 22.14 -17.34
N SER A 24 2.40 22.13 -17.33
CA SER A 24 3.71 21.55 -17.13
CA SER A 24 3.71 21.56 -17.10
C SER A 24 3.67 20.31 -16.25
C SER A 24 3.67 20.32 -16.22
N ASN A 25 2.51 19.94 -15.71
CA ASN A 25 2.42 18.78 -14.82
C ASN A 25 2.17 17.51 -15.58
N VAL A 26 2.92 16.44 -15.26
CA VAL A 26 2.75 15.16 -15.91
C VAL A 26 2.70 14.04 -14.85
N LEU A 27 1.67 13.21 -14.92
CA LEU A 27 1.56 12.07 -14.00
C LEU A 27 0.76 10.97 -14.67
N ASN A 28 0.24 10.01 -13.89
CA ASN A 28 -0.44 8.84 -14.35
C ASN A 28 -1.91 8.88 -14.02
N GLY A 29 -2.68 8.24 -14.88
CA GLY A 29 -4.08 8.02 -14.62
C GLY A 29 -4.47 6.58 -14.85
N LEU A 30 -5.62 6.25 -14.28
CA LEU A 30 -6.24 4.93 -14.40
C LEU A 30 -7.44 5.03 -15.33
N TRP A 31 -7.34 4.43 -16.52
CA TRP A 31 -8.38 4.48 -17.57
C TRP A 31 -9.19 3.22 -17.45
N ILE A 32 -10.39 3.35 -16.96
CA ILE A 32 -11.30 2.22 -16.80
C ILE A 32 -12.68 2.62 -17.32
N GLY A 33 -13.27 1.77 -18.17
CA GLY A 33 -14.47 2.24 -18.91
C GLY A 33 -14.13 3.49 -19.66
N ASP A 34 -15.05 4.49 -19.60
CA ASP A 34 -14.84 5.77 -20.22
C ASP A 34 -14.45 6.85 -19.22
N GLU A 35 -13.72 6.46 -18.17
CA GLU A 35 -13.23 7.40 -17.15
C GLU A 35 -11.73 7.24 -16.98
N VAL A 36 -11.08 8.36 -16.69
CA VAL A 36 -9.69 8.40 -16.25
C VAL A 36 -9.69 9.03 -14.87
N ILE A 37 -9.09 8.35 -13.89
CA ILE A 37 -8.95 8.81 -12.53
C ILE A 37 -7.48 9.15 -12.28
N CYS A 38 -7.21 10.34 -11.78
CA CYS A 38 -5.85 10.75 -11.50
C CYS A 38 -5.83 11.70 -10.31
N PRO A 39 -4.66 11.96 -9.71
CA PRO A 39 -4.59 12.94 -8.64
C PRO A 39 -5.00 14.32 -9.13
N ARG A 40 -5.74 15.04 -8.29
CA ARG A 40 -6.26 16.33 -8.77
C ARG A 40 -5.21 17.38 -8.88
N HIS A 41 -4.04 17.24 -8.25
CA HIS A 41 -3.04 18.28 -8.35
C HIS A 41 -2.44 18.38 -9.74
N VAL A 42 -2.75 17.49 -10.69
CA VAL A 42 -2.23 17.70 -12.03
C VAL A 42 -2.67 19.04 -12.63
N ILE A 43 -3.80 19.59 -12.18
CA ILE A 43 -4.27 20.87 -12.77
C ILE A 43 -3.77 22.06 -11.99
N ALA A 44 -2.96 21.88 -10.97
CA ALA A 44 -2.52 23.02 -10.17
C ALA A 44 -1.38 23.79 -10.83
N SER A 45 -1.48 25.12 -10.83
N SER A 45 -1.49 25.11 -10.83
CA SER A 45 -0.43 25.88 -11.51
CA SER A 45 -0.47 25.93 -11.46
C SER A 45 0.93 25.73 -10.85
C SER A 45 0.91 25.71 -10.84
N ASP A 46 0.98 25.56 -9.52
CA ASP A 46 2.27 25.43 -8.83
C ASP A 46 2.13 24.45 -7.68
N THR A 47 2.55 23.20 -7.94
CA THR A 47 2.43 22.16 -6.90
C THR A 47 3.46 22.29 -5.81
N SER A 48 4.43 23.23 -5.94
CA SER A 48 5.44 23.39 -4.91
C SER A 48 5.01 24.31 -3.77
N ARG A 49 3.82 24.93 -3.86
CA ARG A 49 3.29 25.83 -2.87
C ARG A 49 1.86 25.39 -2.53
N VAL A 50 1.37 25.83 -1.36
CA VAL A 50 0.00 25.47 -0.96
C VAL A 50 -0.97 25.84 -2.10
N ILE A 51 -1.92 24.93 -2.35
CA ILE A 51 -2.81 24.99 -3.53
C ILE A 51 -4.21 25.30 -3.03
N ASN A 52 -4.86 26.27 -3.69
CA ASN A 52 -6.29 26.51 -3.52
C ASN A 52 -7.01 25.74 -4.64
N TYR A 53 -7.51 24.56 -4.28
CA TYR A 53 -8.07 23.66 -5.26
C TYR A 53 -9.37 24.21 -5.84
N ASP A 54 -10.01 25.12 -5.12
CA ASP A 54 -11.18 25.77 -5.68
C ASP A 54 -10.76 26.62 -6.88
N ASN A 55 -9.72 27.41 -6.69
CA ASN A 55 -9.24 28.28 -7.76
C ASN A 55 -8.72 27.48 -8.95
N GLU A 56 -8.03 26.35 -8.70
CA GLU A 56 -7.52 25.59 -9.81
C GLU A 56 -8.64 24.99 -10.64
N LEU A 57 -9.72 24.51 -10.00
CA LEU A 57 -10.82 23.98 -10.77
C LEU A 57 -11.56 25.10 -11.50
N SER A 58 -11.68 26.26 -10.88
N SER A 58 -11.68 26.27 -10.87
CA SER A 58 -12.40 27.36 -11.55
CA SER A 58 -12.36 27.40 -11.49
C SER A 58 -11.72 27.73 -12.86
C SER A 58 -11.72 27.74 -12.83
N SER A 59 -10.39 27.68 -12.91
CA SER A 59 -9.67 28.06 -14.10
C SER A 59 -9.34 26.90 -15.05
N VAL A 60 -9.78 25.67 -14.75
CA VAL A 60 -9.48 24.55 -15.62
C VAL A 60 -10.16 24.73 -16.97
N ARG A 61 -9.57 24.14 -18.01
CA ARG A 61 -10.19 24.05 -19.33
C ARG A 61 -10.06 22.61 -19.80
N LEU A 62 -11.18 21.97 -20.15
CA LEU A 62 -11.18 20.56 -20.52
C LEU A 62 -10.21 20.30 -21.68
N HIS A 63 -10.10 21.26 -22.61
CA HIS A 63 -9.26 21.03 -23.76
C HIS A 63 -7.79 20.94 -23.44
N ASN A 64 -7.37 21.45 -22.28
CA ASN A 64 -5.96 21.52 -21.93
C ASN A 64 -5.44 20.19 -21.37
N PHE A 65 -6.31 19.23 -21.08
CA PHE A 65 -5.83 17.90 -20.65
C PHE A 65 -5.21 17.20 -21.85
N SER A 66 -4.02 16.61 -21.66
CA SER A 66 -3.39 15.74 -22.61
C SER A 66 -3.37 14.35 -21.99
N ILE A 67 -4.11 13.41 -22.56
CA ILE A 67 -4.22 12.04 -22.02
C ILE A 67 -3.87 11.07 -23.13
N ALA A 68 -2.90 10.20 -22.89
CA ALA A 68 -2.44 9.31 -23.94
C ALA A 68 -2.02 7.94 -23.41
N LYS A 69 -2.15 6.97 -24.29
CA LYS A 69 -1.71 5.59 -24.10
C LYS A 69 -1.12 5.25 -25.47
N ASN A 70 0.19 5.24 -25.57
CA ASN A 70 0.86 4.89 -26.83
C ASN A 70 0.35 5.84 -27.89
N ASN A 71 -0.22 5.37 -28.98
CA ASN A 71 -0.76 6.23 -30.03
C ASN A 71 -2.28 6.40 -29.90
N VAL A 72 -2.81 6.32 -28.68
CA VAL A 72 -4.21 6.61 -28.41
C VAL A 72 -4.23 7.93 -27.64
N PHE A 73 -4.92 8.93 -28.14
CA PHE A 73 -5.12 10.18 -27.42
C PHE A 73 -6.59 10.24 -27.03
N LEU A 74 -6.85 10.64 -25.78
CA LEU A 74 -8.19 10.67 -25.19
C LEU A 74 -8.58 12.11 -24.90
N GLY A 75 -9.75 12.50 -25.38
CA GLY A 75 -10.27 13.84 -25.11
C GLY A 75 -11.19 13.81 -23.91
N VAL A 76 -11.09 14.88 -23.10
CA VAL A 76 -11.86 14.98 -21.85
C VAL A 76 -13.14 15.73 -22.15
N VAL A 77 -14.26 15.10 -21.80
CA VAL A 77 -15.57 15.74 -21.94
C VAL A 77 -16.21 16.15 -20.64
N SER A 78 -15.71 15.72 -19.49
CA SER A 78 -16.21 16.14 -18.21
C SER A 78 -15.13 15.95 -17.17
N ALA A 79 -15.07 16.85 -16.18
CA ALA A 79 -14.05 16.79 -15.13
C ALA A 79 -14.72 17.12 -13.80
N LYS A 80 -14.51 16.26 -12.79
CA LYS A 80 -15.00 16.48 -11.45
C LYS A 80 -13.91 16.13 -10.46
N TYR A 81 -13.82 16.82 -9.34
CA TYR A 81 -13.14 16.24 -8.17
C TYR A 81 -14.00 15.20 -7.53
N LYS A 82 -13.37 14.08 -7.15
CA LYS A 82 -13.98 13.06 -6.29
C LYS A 82 -12.94 12.91 -5.16
N GLY A 83 -13.18 13.56 -4.04
CA GLY A 83 -12.13 13.70 -3.04
C GLY A 83 -10.93 14.39 -3.60
N VAL A 84 -9.75 13.76 -3.40
CA VAL A 84 -8.49 14.32 -3.85
C VAL A 84 -8.13 13.86 -5.27
N ASN A 85 -9.02 13.15 -5.95
CA ASN A 85 -8.76 12.76 -7.31
C ASN A 85 -9.61 13.58 -8.26
N LEU A 86 -9.16 13.66 -9.51
CA LEU A 86 -10.00 14.01 -10.64
C LEU A 86 -10.60 12.74 -11.22
N VAL A 87 -11.88 12.78 -11.60
CA VAL A 87 -12.52 11.79 -12.43
C VAL A 87 -12.85 12.49 -13.74
N LEU A 88 -12.21 12.06 -14.81
CA LEU A 88 -12.29 12.65 -16.14
C LEU A 88 -13.07 11.70 -17.04
N LYS A 89 -14.24 12.16 -17.52
N LYS A 89 -14.24 12.13 -17.51
CA LYS A 89 -14.94 11.41 -18.55
CA LYS A 89 -14.93 11.37 -18.53
C LYS A 89 -14.25 11.65 -19.88
C LYS A 89 -14.25 11.64 -19.87
N VAL A 90 -13.90 10.57 -20.60
CA VAL A 90 -13.17 10.68 -21.85
C VAL A 90 -14.02 10.14 -22.99
N ASN A 91 -13.54 10.39 -24.21
CA ASN A 91 -14.33 10.07 -25.39
C ASN A 91 -14.15 8.65 -25.93
N GLN A 92 -13.49 7.76 -25.18
N GLN A 92 -13.45 7.76 -25.22
CA GLN A 92 -13.29 6.39 -25.62
CA GLN A 92 -13.28 6.38 -25.64
C GLN A 92 -13.33 5.48 -24.39
C GLN A 92 -13.29 5.47 -24.43
N VAL A 93 -13.95 4.33 -24.55
CA VAL A 93 -13.97 3.30 -23.52
C VAL A 93 -12.69 2.47 -23.66
N ASN A 94 -12.02 2.18 -22.54
CA ASN A 94 -10.86 1.32 -22.60
C ASN A 94 -11.26 -0.11 -22.92
N PRO A 95 -10.92 -0.62 -24.11
CA PRO A 95 -11.34 -1.98 -24.47
C PRO A 95 -10.72 -3.05 -23.62
N ASN A 96 -9.64 -2.71 -22.91
CA ASN A 96 -8.99 -3.67 -22.03
C ASN A 96 -9.38 -3.49 -20.56
N THR A 97 -10.49 -2.79 -20.29
CA THR A 97 -10.96 -2.64 -18.94
C THR A 97 -11.22 -4.00 -18.29
N PRO A 98 -10.58 -4.34 -17.19
CA PRO A 98 -10.89 -5.59 -16.52
C PRO A 98 -12.10 -5.48 -15.62
N ALA A 99 -12.74 -6.61 -15.35
CA ALA A 99 -13.73 -6.64 -14.29
C ALA A 99 -13.06 -6.23 -12.99
N HIS A 100 -13.69 -5.34 -12.22
CA HIS A 100 -13.01 -4.84 -11.04
C HIS A 100 -14.00 -4.31 -10.01
N LYS A 101 -13.52 -4.16 -8.79
CA LYS A 101 -14.20 -3.52 -7.69
C LYS A 101 -13.25 -2.55 -7.03
N PHE A 102 -13.77 -1.76 -6.12
CA PHE A 102 -13.03 -0.81 -5.33
C PHE A 102 -13.16 -1.19 -3.89
N LYS A 103 -12.07 -1.08 -3.15
CA LYS A 103 -12.19 -1.19 -1.70
C LYS A 103 -11.03 -0.45 -1.07
N SER A 104 -11.16 -0.18 0.23
CA SER A 104 -10.12 0.43 1.01
C SER A 104 -9.36 -0.61 1.81
N VAL A 105 -8.04 -0.51 1.80
CA VAL A 105 -7.25 -1.34 2.69
C VAL A 105 -7.20 -0.70 4.07
N LYS A 106 -6.83 -1.52 5.04
CA LYS A 106 -6.70 -1.15 6.42
C LYS A 106 -5.27 -1.30 6.88
N PRO A 107 -4.86 -0.63 7.95
CA PRO A 107 -3.54 -0.83 8.51
C PRO A 107 -3.26 -2.31 8.73
N GLY A 108 -2.04 -2.68 8.37
CA GLY A 108 -1.55 -4.05 8.46
C GLY A 108 -1.79 -4.89 7.23
N GLU A 109 -2.61 -4.44 6.29
CA GLU A 109 -2.93 -5.17 5.10
C GLU A 109 -1.90 -4.92 4.00
N SER A 110 -1.63 -5.96 3.21
CA SER A 110 -0.73 -5.88 2.08
C SER A 110 -1.49 -5.70 0.75
N PHE A 111 -0.80 -5.06 -0.20
CA PHE A 111 -1.32 -4.87 -1.53
C PHE A 111 -0.14 -4.62 -2.46
N ASN A 112 -0.44 -4.41 -3.73
CA ASN A 112 0.57 -4.28 -4.78
C ASN A 112 0.57 -2.91 -5.35
N ILE A 113 1.76 -2.38 -5.63
CA ILE A 113 1.94 -1.11 -6.32
C ILE A 113 2.43 -1.42 -7.72
N LEU A 114 1.73 -0.92 -8.72
CA LEU A 114 2.25 -0.79 -10.09
C LEU A 114 2.81 0.61 -10.23
N ALA A 115 4.13 0.73 -10.15
CA ALA A 115 4.82 1.99 -10.18
C ALA A 115 4.93 2.46 -11.62
N CYS A 116 4.34 3.62 -11.91
CA CYS A 116 4.18 4.14 -13.24
C CYS A 116 4.90 5.47 -13.34
N TYR A 117 5.54 5.71 -14.51
CA TYR A 117 6.40 6.85 -14.70
C TYR A 117 5.95 7.62 -15.92
N GLU A 118 5.24 8.73 -15.64
CA GLU A 118 4.70 9.58 -16.72
C GLU A 118 3.95 8.75 -17.76
N GLY A 119 3.08 7.85 -17.27
CA GLY A 119 2.16 7.03 -17.99
C GLY A 119 2.66 5.66 -18.41
N CYS A 120 3.90 5.34 -18.08
N CYS A 120 3.90 5.35 -18.07
CA CYS A 120 4.45 4.06 -18.48
CA CYS A 120 4.52 4.08 -18.43
C CYS A 120 4.68 3.18 -17.26
C CYS A 120 4.67 3.19 -17.21
N PRO A 121 4.02 2.02 -17.16
CA PRO A 121 4.30 1.09 -16.05
C PRO A 121 5.75 0.70 -16.08
N GLY A 122 6.44 0.89 -14.96
CA GLY A 122 7.84 0.62 -14.86
C GLY A 122 8.20 -0.55 -13.97
N SER A 123 7.43 -0.79 -12.92
CA SER A 123 7.77 -1.83 -11.97
C SER A 123 6.59 -2.17 -11.10
N VAL A 124 6.72 -3.29 -10.39
CA VAL A 124 5.64 -3.79 -9.52
C VAL A 124 6.29 -4.30 -8.26
N TYR A 125 5.69 -4.01 -7.10
CA TYR A 125 6.21 -4.47 -5.84
C TYR A 125 5.12 -4.47 -4.79
N GLY A 126 5.32 -5.29 -3.76
CA GLY A 126 4.38 -5.38 -2.65
C GLY A 126 4.66 -4.35 -1.58
N VAL A 127 3.56 -3.93 -0.91
CA VAL A 127 3.63 -2.97 0.18
C VAL A 127 2.72 -3.46 1.30
N ASN A 128 2.82 -2.78 2.45
CA ASN A 128 1.96 -3.04 3.60
C ASN A 128 1.61 -1.72 4.25
N MET A 129 0.32 -1.54 4.54
N MET A 129 0.32 -1.55 4.52
CA MET A 129 -0.13 -0.27 5.07
CA MET A 129 -0.17 -0.31 5.11
C MET A 129 0.20 -0.12 6.56
C MET A 129 0.31 -0.19 6.55
N ARG A 130 0.88 0.96 6.87
CA ARG A 130 1.32 1.26 8.24
C ARG A 130 0.13 1.82 9.03
N SER A 131 0.32 1.84 10.35
CA SER A 131 -0.77 2.22 11.24
C SER A 131 -1.34 3.61 10.96
N GLN A 132 -0.52 4.55 10.54
CA GLN A 132 -0.93 5.91 10.25
C GLN A 132 -1.44 6.07 8.83
N GLY A 133 -1.53 5.01 8.08
CA GLY A 133 -2.09 5.06 6.75
C GLY A 133 -1.11 5.21 5.61
N THR A 134 0.18 5.32 5.88
CA THR A 134 1.25 5.47 4.93
C THR A 134 1.73 4.08 4.46
N ILE A 135 2.53 4.10 3.40
CA ILE A 135 3.29 2.92 2.98
C ILE A 135 4.74 3.33 2.82
N LYS A 136 5.64 2.36 2.82
CA LYS A 136 7.05 2.59 2.54
C LYS A 136 7.34 2.04 1.15
N GLY A 137 7.39 2.90 0.15
CA GLY A 137 7.64 2.48 -1.20
C GLY A 137 8.85 3.19 -1.77
N SER A 138 8.79 3.42 -3.06
N SER A 138 8.79 3.44 -3.08
CA SER A 138 9.84 4.13 -3.78
CA SER A 138 9.86 4.14 -3.76
C SER A 138 9.13 4.93 -4.87
C SER A 138 9.19 4.93 -4.88
N PHE A 139 8.83 6.16 -4.57
CA PHE A 139 8.09 7.02 -5.46
C PHE A 139 8.90 8.29 -5.68
N ILE A 140 8.90 8.74 -6.93
CA ILE A 140 9.67 9.90 -7.34
C ILE A 140 8.79 10.77 -8.24
N ALA A 141 9.35 11.88 -8.68
CA ALA A 141 8.63 12.72 -9.63
C ALA A 141 8.14 11.92 -10.82
N GLY A 142 6.89 12.14 -11.20
CA GLY A 142 6.31 11.45 -12.32
C GLY A 142 5.52 10.20 -11.96
N THR A 143 5.57 9.79 -10.69
CA THR A 143 4.90 8.57 -10.25
C THR A 143 3.53 8.80 -9.59
N CYS A 144 3.14 10.07 -9.35
CA CYS A 144 1.78 10.23 -8.83
C CYS A 144 0.76 9.59 -9.75
N GLY A 145 -0.31 9.05 -9.18
CA GLY A 145 -1.27 8.31 -9.90
C GLY A 145 -0.95 6.85 -10.12
N SER A 146 0.23 6.43 -9.72
CA SER A 146 0.51 5.00 -9.67
C SER A 146 -0.58 4.32 -8.85
N VAL A 147 -0.87 3.09 -9.25
CA VAL A 147 -2.04 2.36 -8.80
C VAL A 147 -1.67 1.22 -7.87
N GLY A 148 -2.38 1.12 -6.75
CA GLY A 148 -2.34 -0.05 -5.89
C GLY A 148 -3.59 -0.91 -6.07
N TYR A 149 -3.37 -2.23 -6.05
CA TYR A 149 -4.41 -3.20 -6.33
C TYR A 149 -4.18 -4.45 -5.48
N VAL A 150 -5.23 -5.26 -5.34
N VAL A 150 -5.26 -5.20 -5.29
CA VAL A 150 -5.11 -6.57 -4.70
CA VAL A 150 -5.15 -6.56 -4.78
C VAL A 150 -6.10 -7.48 -5.36
C VAL A 150 -6.02 -7.47 -5.64
N LEU A 151 -5.66 -8.74 -5.61
CA LEU A 151 -6.53 -9.80 -6.11
C LEU A 151 -6.94 -10.69 -4.96
N GLU A 152 -8.24 -10.95 -4.84
CA GLU A 152 -8.81 -11.60 -3.65
C GLU A 152 -10.01 -12.38 -4.16
N ASN A 153 -9.92 -13.71 -4.21
CA ASN A 153 -11.01 -14.57 -4.68
C ASN A 153 -11.37 -14.31 -6.14
N GLY A 154 -10.37 -14.28 -7.00
CA GLY A 154 -10.61 -14.03 -8.40
C GLY A 154 -11.09 -12.63 -8.73
N ILE A 155 -11.18 -11.73 -7.76
CA ILE A 155 -11.64 -10.37 -7.98
C ILE A 155 -10.44 -9.40 -7.89
N LEU A 156 -10.39 -8.49 -8.85
CA LEU A 156 -9.43 -7.39 -8.86
C LEU A 156 -10.02 -6.20 -8.15
N TYR A 157 -9.37 -5.75 -7.09
CA TYR A 157 -9.72 -4.54 -6.36
C TYR A 157 -8.69 -3.45 -6.61
N PHE A 158 -9.15 -2.28 -6.99
CA PHE A 158 -8.33 -1.08 -6.99
C PHE A 158 -8.42 -0.43 -5.61
N VAL A 159 -7.27 -0.20 -4.96
CA VAL A 159 -7.25 0.17 -3.56
C VAL A 159 -6.46 1.42 -3.27
N TYR A 160 -5.59 1.89 -4.16
CA TYR A 160 -4.70 2.98 -3.87
C TYR A 160 -4.31 3.75 -5.11
N MET A 161 -4.15 5.06 -4.95
CA MET A 161 -3.60 5.91 -6.01
C MET A 161 -2.62 6.86 -5.32
N HIS A 162 -1.42 6.99 -5.86
CA HIS A 162 -0.36 7.69 -5.17
C HIS A 162 -0.41 9.22 -5.31
N HIS A 163 -0.23 9.94 -4.19
CA HIS A 163 -0.25 11.41 -4.18
C HIS A 163 1.03 12.10 -3.70
N LEU A 164 1.70 11.64 -2.63
CA LEU A 164 2.72 12.50 -2.05
C LEU A 164 3.65 11.70 -1.15
N GLU A 165 4.71 12.40 -0.73
CA GLU A 165 5.70 11.87 0.21
C GLU A 165 5.82 12.82 1.39
N LEU A 166 5.75 12.31 2.59
CA LEU A 166 5.89 13.14 3.79
C LEU A 166 7.36 13.48 4.01
N GLY A 167 7.59 14.50 4.85
CA GLY A 167 8.96 14.93 5.09
C GLY A 167 9.83 13.85 5.70
N ASN A 168 9.22 12.84 6.31
CA ASN A 168 9.99 11.73 6.85
C ASN A 168 10.21 10.58 5.84
N GLY A 169 9.80 10.76 4.57
CA GLY A 169 9.96 9.75 3.54
C GLY A 169 8.81 8.78 3.37
N SER A 170 7.84 8.75 4.29
CA SER A 170 6.68 7.86 4.14
C SER A 170 5.79 8.31 2.99
N HIS A 171 5.16 7.36 2.32
CA HIS A 171 4.38 7.59 1.12
C HIS A 171 2.89 7.56 1.40
N VAL A 172 2.20 8.51 0.78
CA VAL A 172 0.79 8.76 1.04
C VAL A 172 -0.02 8.71 -0.26
N GLY A 173 -1.19 8.07 -0.17
CA GLY A 173 -2.10 8.05 -1.31
C GLY A 173 -3.53 7.95 -0.82
N SER A 174 -4.42 7.75 -1.76
CA SER A 174 -5.85 7.73 -1.51
C SER A 174 -6.45 6.43 -1.99
N ASN A 175 -7.64 6.10 -1.51
CA ASN A 175 -8.42 5.11 -2.21
C ASN A 175 -8.99 5.71 -3.51
N LEU A 176 -9.70 4.91 -4.29
CA LEU A 176 -10.15 5.40 -5.57
C LEU A 176 -11.39 6.27 -5.42
N GLU A 177 -11.97 6.30 -4.22
CA GLU A 177 -13.01 7.29 -3.85
C GLU A 177 -12.39 8.65 -3.54
N GLY A 178 -11.07 8.78 -3.57
CA GLY A 178 -10.43 10.01 -3.26
C GLY A 178 -10.33 10.40 -1.81
N GLU A 179 -10.44 9.41 -0.92
CA GLU A 179 -10.22 9.64 0.50
C GLU A 179 -8.76 9.32 0.78
N MET A 180 -8.01 10.27 1.27
CA MET A 180 -6.58 10.07 1.52
C MET A 180 -6.45 9.12 2.72
N TYR A 181 -5.65 8.09 2.56
CA TYR A 181 -5.35 7.22 3.67
C TYR A 181 -4.60 7.96 4.74
N GLY A 182 -5.08 7.86 5.99
CA GLY A 182 -4.47 8.64 7.07
C GLY A 182 -4.96 10.06 7.21
N GLY A 183 -5.78 10.52 6.29
CA GLY A 183 -6.31 11.89 6.38
C GLY A 183 -5.39 13.01 6.03
N TYR A 184 -4.21 12.75 5.47
CA TYR A 184 -3.26 13.76 5.08
C TYR A 184 -3.87 14.63 3.97
N GLU A 185 -3.50 15.90 4.01
CA GLU A 185 -3.88 16.82 2.94
C GLU A 185 -2.99 16.63 1.72
N ASP A 186 -3.58 16.83 0.52
CA ASP A 186 -2.83 16.81 -0.74
C ASP A 186 -2.19 18.16 -1.00
N GLN A 187 -1.24 18.51 -0.12
CA GLN A 187 -0.53 19.77 -0.15
C GLN A 187 0.95 19.56 0.10
N PRO A 188 1.79 20.43 -0.44
CA PRO A 188 3.20 20.47 -0.04
C PRO A 188 3.25 20.99 1.38
N SER A 189 3.49 20.13 2.33
CA SER A 189 3.27 20.43 3.72
C SER A 189 4.25 19.61 4.53
N MET A 190 4.68 20.19 5.65
CA MET A 190 5.46 19.44 6.62
C MET A 190 4.59 18.70 7.61
N GLN A 191 3.37 18.30 7.23
CA GLN A 191 2.51 17.53 8.12
C GLN A 191 3.24 16.27 8.58
N LEU A 192 3.02 15.93 9.82
CA LEU A 192 3.73 14.84 10.46
C LEU A 192 2.99 13.54 10.26
N GLU A 193 3.77 12.46 10.24
CA GLU A 193 3.13 11.16 10.06
C GLU A 193 2.35 10.75 11.29
N GLY A 194 2.93 10.92 12.47
CA GLY A 194 2.42 10.37 13.71
C GLY A 194 3.18 9.11 14.07
N THR A 195 2.98 8.62 15.30
CA THR A 195 3.78 7.52 15.79
C THR A 195 3.39 6.22 15.07
N ASN A 196 4.42 5.47 14.60
CA ASN A 196 4.23 4.21 13.89
C ASN A 196 4.00 3.09 14.92
N VAL A 197 2.92 2.36 14.75
CA VAL A 197 2.60 1.19 15.59
C VAL A 197 2.79 -0.07 14.75
N MET A 198 3.71 -0.92 15.17
N MET A 198 3.68 -0.95 15.17
CA MET A 198 3.95 -2.18 14.45
CA MET A 198 3.99 -2.14 14.37
C MET A 198 2.73 -3.09 14.49
C MET A 198 2.90 -3.20 14.52
N SER A 199 2.56 -3.84 13.40
CA SER A 199 1.51 -4.83 13.33
C SER A 199 1.98 -6.12 14.01
N SER A 200 1.41 -6.39 15.19
CA SER A 200 1.74 -7.64 15.85
C SER A 200 1.38 -8.86 15.05
N ASP A 201 0.22 -8.85 14.37
CA ASP A 201 -0.18 -10.00 13.58
C ASP A 201 0.93 -10.30 12.57
N ASN A 202 1.47 -9.24 11.92
CA ASN A 202 2.44 -9.47 10.86
C ASN A 202 3.80 -9.87 11.40
N VAL A 203 4.20 -9.38 12.59
CA VAL A 203 5.44 -9.84 13.19
C VAL A 203 5.32 -11.31 13.56
N VAL A 204 4.17 -11.72 14.10
CA VAL A 204 3.96 -13.13 14.37
C VAL A 204 4.10 -13.94 13.08
N ALA A 205 3.49 -13.46 11.99
CA ALA A 205 3.64 -14.15 10.71
C ALA A 205 5.09 -14.28 10.27
N PHE A 206 5.86 -13.24 10.43
CA PHE A 206 7.28 -13.23 10.10
C PHE A 206 8.04 -14.28 10.90
N LEU A 207 7.75 -14.35 12.20
CA LEU A 207 8.43 -15.38 13.00
C LEU A 207 8.01 -16.77 12.60
N TYR A 208 6.74 -16.98 12.25
CA TYR A 208 6.32 -18.27 11.73
C TYR A 208 7.06 -18.59 10.44
N ALA A 209 7.25 -17.58 9.58
CA ALA A 209 7.97 -17.82 8.33
C ALA A 209 9.39 -18.30 8.61
N ALA A 210 10.05 -17.70 9.61
CA ALA A 210 11.40 -18.15 9.96
C ALA A 210 11.37 -19.60 10.45
N LEU A 211 10.38 -19.97 11.26
CA LEU A 211 10.28 -21.36 11.71
C LEU A 211 10.06 -22.30 10.54
N ILE A 212 9.22 -21.92 9.59
CA ILE A 212 8.96 -22.78 8.44
C ILE A 212 10.23 -22.98 7.65
N ASN A 213 11.07 -21.96 7.64
CA ASN A 213 12.32 -21.97 6.90
C ASN A 213 13.37 -22.79 7.62
N GLY A 214 13.08 -23.24 8.84
CA GLY A 214 14.03 -24.03 9.61
C GLY A 214 14.87 -23.26 10.56
N GLU A 215 14.56 -22.01 10.81
CA GLU A 215 15.30 -21.18 11.72
C GLU A 215 14.54 -21.07 13.02
N ARG A 216 15.15 -21.52 14.12
CA ARG A 216 14.43 -21.53 15.40
C ARG A 216 15.28 -21.10 16.58
N TRP A 217 16.44 -20.49 16.35
CA TRP A 217 17.33 -20.10 17.43
C TRP A 217 16.68 -19.16 18.43
N PHE A 218 15.73 -18.35 17.98
CA PHE A 218 15.17 -17.26 18.78
C PHE A 218 14.09 -17.75 19.75
N VAL A 219 13.62 -18.98 19.62
CA VAL A 219 12.55 -19.49 20.44
C VAL A 219 13.17 -19.95 21.74
N THR A 220 12.61 -19.52 22.87
CA THR A 220 13.11 -19.90 24.21
C THR A 220 12.13 -20.87 24.84
N ASN A 221 12.46 -21.33 26.06
N ASN A 221 12.48 -21.28 26.05
CA ASN A 221 11.53 -22.16 26.84
CA ASN A 221 11.62 -22.08 26.88
C ASN A 221 10.60 -21.24 27.63
C ASN A 221 10.68 -21.17 27.66
N ALA A 222 9.82 -20.45 26.91
CA ALA A 222 8.94 -19.46 27.53
C ALA A 222 7.80 -19.14 26.58
N SER A 223 6.74 -18.55 27.15
N SER A 223 6.69 -18.71 27.16
CA SER A 223 5.52 -18.31 26.39
CA SER A 223 5.50 -18.29 26.41
C SER A 223 4.69 -17.28 27.12
C SER A 223 4.91 -17.10 27.12
N MET A 224 4.11 -16.30 26.37
CA MET A 224 3.38 -15.19 26.99
C MET A 224 1.91 -15.19 26.67
N SER A 225 1.06 -15.04 27.69
CA SER A 225 -0.36 -15.08 27.46
C SER A 225 -0.82 -13.86 26.65
N LEU A 226 -1.96 -14.03 25.98
N LEU A 226 -1.96 -14.04 25.99
CA LEU A 226 -2.45 -13.00 25.07
CA LEU A 226 -2.50 -13.02 25.07
C LEU A 226 -2.74 -11.69 25.79
C LEU A 226 -2.76 -11.70 25.78
N GLU A 227 -3.42 -11.75 26.94
CA GLU A 227 -3.70 -10.51 27.64
C GLU A 227 -2.39 -9.82 28.08
N SER A 228 -1.39 -10.63 28.47
CA SER A 228 -0.13 -10.11 28.89
C SER A 228 0.59 -9.42 27.75
N TYR A 229 0.63 -10.08 26.61
CA TYR A 229 1.20 -9.48 25.42
C TYR A 229 0.49 -8.16 25.08
N ASN A 230 -0.81 -8.15 25.13
CA ASN A 230 -1.54 -6.95 24.69
C ASN A 230 -1.30 -5.80 25.61
N ALA A 231 -1.14 -6.07 26.90
CA ALA A 231 -0.77 -5.00 27.79
C ALA A 231 0.59 -4.42 27.51
N TRP A 232 1.56 -5.25 27.15
CA TRP A 232 2.87 -4.84 26.70
C TRP A 232 2.80 -4.07 25.37
N ALA A 233 1.99 -4.56 24.44
CA ALA A 233 1.92 -3.94 23.11
C ALA A 233 1.48 -2.49 23.22
N LYS A 234 0.47 -2.25 24.05
CA LYS A 234 -0.09 -0.92 24.19
C LYS A 234 0.95 0.08 24.67
N THR A 235 1.93 -0.34 25.46
CA THR A 235 2.96 0.59 25.88
C THR A 235 4.23 0.54 25.06
N ASN A 236 4.28 -0.29 24.01
CA ASN A 236 5.51 -0.46 23.23
C ASN A 236 5.28 -0.25 21.74
N SER A 237 4.19 0.41 21.39
CA SER A 237 3.91 0.79 19.99
C SER A 237 3.81 -0.45 19.09
N PHE A 238 3.12 -1.47 19.58
CA PHE A 238 2.70 -2.63 18.81
C PHE A 238 1.18 -2.72 18.91
N THR A 239 0.52 -3.28 17.90
CA THR A 239 -0.89 -3.48 17.97
C THR A 239 -1.27 -4.61 18.94
N GLU A 240 -2.50 -4.52 19.47
CA GLU A 240 -3.04 -5.61 20.26
C GLU A 240 -3.57 -6.70 19.36
N ILE A 241 -3.34 -7.94 19.73
CA ILE A 241 -3.92 -9.08 19.02
C ILE A 241 -5.36 -9.31 19.47
N VAL A 242 -6.27 -9.27 18.51
CA VAL A 242 -7.70 -9.35 18.76
C VAL A 242 -8.26 -10.71 18.41
N SER A 243 -7.52 -11.52 17.66
CA SER A 243 -7.98 -12.82 17.20
C SER A 243 -6.73 -13.59 16.83
N THR A 244 -6.75 -14.87 17.11
CA THR A 244 -5.65 -15.72 16.68
C THR A 244 -6.05 -16.64 15.56
N ASP A 245 -7.23 -16.43 14.97
CA ASP A 245 -7.68 -17.33 13.92
C ASP A 245 -6.72 -17.33 12.74
N ALA A 246 -6.07 -16.20 12.50
CA ALA A 246 -5.20 -16.13 11.35
C ALA A 246 -3.98 -17.01 11.52
N PHE A 247 -3.70 -17.50 12.74
CA PHE A 247 -2.51 -18.28 12.93
C PHE A 247 -2.77 -19.77 13.08
N ASN A 248 -4.02 -20.22 13.01
CA ASN A 248 -4.28 -21.64 13.28
C ASN A 248 -3.46 -22.55 12.38
N MET A 249 -3.47 -22.28 11.08
CA MET A 249 -2.74 -23.16 10.16
C MET A 249 -1.24 -23.08 10.40
N LEU A 250 -0.71 -21.87 10.64
CA LEU A 250 0.71 -21.73 10.90
C LEU A 250 1.12 -22.48 12.17
N ALA A 251 0.32 -22.34 13.22
CA ALA A 251 0.64 -23.07 14.45
C ALA A 251 0.55 -24.59 14.23
N ALA A 252 -0.44 -25.03 13.50
CA ALA A 252 -0.63 -26.48 13.27
C ALA A 252 0.52 -27.05 12.47
N LYS A 253 0.99 -26.32 11.48
CA LYS A 253 2.02 -26.89 10.64
C LYS A 253 3.42 -26.78 11.21
N THR A 254 3.71 -25.75 12.03
CA THR A 254 5.01 -25.61 12.62
C THR A 254 5.11 -26.34 13.97
N GLY A 255 3.97 -26.48 14.64
CA GLY A 255 3.94 -26.96 16.02
C GLY A 255 4.16 -25.92 17.07
N TYR A 256 4.25 -24.64 16.72
CA TYR A 256 4.54 -23.59 17.67
C TYR A 256 3.30 -22.72 17.90
N SER A 257 2.95 -22.56 19.17
CA SER A 257 1.83 -21.73 19.54
C SER A 257 2.12 -20.25 19.33
N VAL A 258 1.05 -19.47 19.15
CA VAL A 258 1.23 -18.03 19.01
C VAL A 258 1.87 -17.41 20.24
N GLU A 259 1.48 -17.90 21.43
CA GLU A 259 2.02 -17.35 22.67
C GLU A 259 3.53 -17.51 22.79
N LYS A 260 4.11 -18.58 22.23
CA LYS A 260 5.57 -18.67 22.20
C LYS A 260 6.16 -17.55 21.40
N LEU A 261 5.53 -17.22 20.26
N LEU A 261 5.53 -17.22 20.26
CA LEU A 261 6.05 -16.16 19.42
CA LEU A 261 6.06 -16.15 19.43
C LEU A 261 5.78 -14.77 20.00
C LEU A 261 5.79 -14.76 20.01
N LEU A 262 4.73 -14.60 20.80
CA LEU A 262 4.52 -13.34 21.50
C LEU A 262 5.63 -13.09 22.48
N GLU A 263 6.06 -14.14 23.20
N GLU A 263 6.06 -14.14 23.20
CA GLU A 263 7.22 -13.96 24.06
CA GLU A 263 7.23 -13.99 24.07
C GLU A 263 8.46 -13.61 23.27
C GLU A 263 8.46 -13.61 23.27
N CYS A 264 8.63 -14.20 22.08
CA CYS A 264 9.77 -13.87 21.24
C CYS A 264 9.75 -12.40 20.84
N ILE A 265 8.57 -11.86 20.56
CA ILE A 265 8.50 -10.46 20.14
C ILE A 265 9.00 -9.57 21.25
N VAL A 266 8.52 -9.80 22.48
CA VAL A 266 8.89 -8.94 23.60
C VAL A 266 10.38 -8.99 23.84
N ARG A 267 10.95 -10.19 23.75
CA ARG A 267 12.38 -10.35 23.97
C ARG A 267 13.21 -9.76 22.81
N LEU A 268 12.84 -10.08 21.57
CA LEU A 268 13.61 -9.64 20.40
C LEU A 268 13.48 -8.15 20.15
N ASN A 269 12.42 -7.52 20.63
CA ASN A 269 12.27 -6.10 20.40
C ASN A 269 13.35 -5.30 21.11
N LYS A 270 14.00 -5.90 22.11
CA LYS A 270 15.12 -5.27 22.80
C LYS A 270 16.41 -5.33 21.99
N GLY A 271 16.45 -6.10 20.90
CA GLY A 271 17.62 -6.24 20.07
C GLY A 271 17.93 -7.67 19.70
N PHE A 272 18.42 -7.91 18.47
CA PHE A 272 18.80 -9.25 18.05
C PHE A 272 20.21 -9.62 18.50
N GLY A 273 20.94 -8.68 19.08
CA GLY A 273 22.28 -8.97 19.58
C GLY A 273 23.23 -9.55 18.55
N GLY A 274 23.22 -9.00 17.34
CA GLY A 274 24.12 -9.42 16.30
C GLY A 274 23.64 -10.58 15.46
N ARG A 275 22.57 -11.27 15.87
CA ARG A 275 22.01 -12.35 15.09
C ARG A 275 21.03 -11.79 14.04
N THR A 276 20.57 -12.68 13.16
CA THR A 276 19.53 -12.32 12.19
C THR A 276 18.44 -13.37 12.18
N ILE A 277 17.29 -12.98 11.63
CA ILE A 277 16.17 -13.87 11.40
C ILE A 277 15.78 -13.68 9.94
N LEU A 278 15.80 -14.77 9.17
CA LEU A 278 15.57 -14.67 7.70
C LEU A 278 16.49 -13.60 7.08
N SER A 279 17.70 -13.45 7.65
CA SER A 279 18.71 -12.47 7.24
C SER A 279 18.38 -11.05 7.70
N TYR A 280 17.22 -10.80 8.32
CA TYR A 280 16.90 -9.49 8.84
C TYR A 280 17.56 -9.27 10.19
N GLY A 281 17.88 -8.04 10.49
CA GLY A 281 18.49 -7.64 11.75
C GLY A 281 17.55 -7.04 12.76
N SER A 282 16.27 -6.93 12.44
CA SER A 282 15.26 -6.44 13.36
C SER A 282 13.90 -7.02 12.94
N LEU A 283 12.90 -6.84 13.80
CA LEU A 283 11.59 -7.43 13.49
C LEU A 283 10.92 -6.75 12.30
N CYS A 284 10.28 -7.55 11.46
CA CYS A 284 9.65 -7.08 10.22
C CYS A 284 8.14 -7.28 10.32
N ASP A 285 7.37 -6.24 10.01
CA ASP A 285 5.92 -6.29 10.07
C ASP A 285 5.26 -6.08 8.68
N GLU A 286 6.01 -6.37 7.64
CA GLU A 286 5.57 -6.17 6.25
C GLU A 286 4.80 -7.33 5.67
N PHE A 287 4.82 -8.51 6.29
CA PHE A 287 4.20 -9.71 5.76
C PHE A 287 2.98 -10.12 6.57
N THR A 288 1.89 -10.34 5.93
CA THR A 288 0.69 -10.80 6.61
C THR A 288 0.71 -12.32 6.80
N PRO A 289 -0.09 -12.85 7.70
CA PRO A 289 -0.25 -14.30 7.75
C PRO A 289 -0.64 -14.91 6.42
N THR A 290 -1.56 -14.31 5.68
CA THR A 290 -1.95 -14.79 4.36
C THR A 290 -0.76 -14.86 3.42
N GLU A 291 0.04 -13.79 3.36
CA GLU A 291 1.20 -13.81 2.50
C GLU A 291 2.14 -14.96 2.83
N VAL A 292 2.40 -15.18 4.10
CA VAL A 292 3.32 -16.24 4.48
C VAL A 292 2.74 -17.61 4.11
N ILE A 293 1.48 -17.89 4.46
CA ILE A 293 0.89 -19.18 4.12
C ILE A 293 0.93 -19.42 2.62
N ARG A 294 0.57 -18.40 1.83
CA ARG A 294 0.50 -18.60 0.40
C ARG A 294 1.89 -18.90 -0.20
N GLN A 295 2.91 -18.12 0.13
CA GLN A 295 4.19 -18.37 -0.53
C GLN A 295 4.98 -19.51 0.09
N MET A 296 4.69 -19.88 1.34
CA MET A 296 5.50 -20.94 1.96
C MET A 296 4.81 -22.27 1.94
N TYR A 297 3.51 -22.30 1.84
CA TYR A 297 2.80 -23.59 1.76
C TYR A 297 1.99 -23.70 0.50
N GLY A 298 1.76 -22.62 -0.24
CA GLY A 298 1.10 -22.69 -1.49
C GLY A 298 -0.40 -22.85 -1.42
N VAL A 299 -1.03 -22.44 -0.31
CA VAL A 299 -2.47 -22.58 -0.17
C VAL A 299 -3.08 -21.26 0.28
N ASN A 300 -4.41 -21.15 0.03
CA ASN A 300 -5.39 -20.09 0.49
C ASN A 300 -5.87 -19.13 -0.60
C1 V2M B . 7.07 22.04 0.99
O2 V2M B . 6.88 20.84 0.28
C3 V2M B . 7.02 19.68 0.97
C4 V2M B . 7.53 19.51 2.23
C5 V2M B . 7.59 18.23 2.83
C6 V2M B . 7.14 17.09 2.19
C7 V2M B . 6.61 17.28 0.90
N8 V2M B . 6.11 16.37 0.02
C9 V2M B . 5.70 17.02 -1.14
C10 V2M B . 5.96 18.38 -1.02
C11 V2M B . 6.55 18.54 0.26
C12 V2M B . 5.04 16.21 -2.15
O13 V2M B . 5.00 14.96 -2.18
N14 V2M B . 4.26 16.90 -3.02
C15 V2M B . 3.44 16.25 -4.00
C17 V2M B . 2.50 17.24 -4.71
C18 V2M B . 1.55 17.86 -3.70
C19 V2M B . 0.68 18.92 -4.40
C20 V2M B . 0.61 16.86 -3.08
C21 V2M B . 4.31 15.60 -5.06
O22 V2M B . 5.34 16.11 -5.54
N23 V2M B . 3.88 14.36 -5.51
C24 V2M B . 4.58 13.61 -6.51
C26 V2M B . 5.17 12.31 -5.86
C27 V2M B . 6.24 12.61 -4.80
C29 V2M B . 7.52 13.22 -5.39
C30 V2M B . 8.64 12.68 -4.44
N31 V2M B . 8.04 11.49 -3.84
C32 V2M B . 6.71 11.39 -4.01
O33 V2M B . 6.00 10.53 -3.55
C34 V2M B . 3.71 13.27 -7.74
O35 V2M B . 4.43 12.70 -8.88
C36 V2M B . 3.24 14.58 -8.27
O37 V2M B . 2.44 14.63 -9.42
H1 V2M B . 6.44 21.97 1.89
H2 V2M B . 6.75 22.84 0.32
H3 V2M B . 8.14 22.09 1.24
H4 V2M B . 7.90 20.35 2.79
H5 V2M B . 8.00 18.15 3.84
H6 V2M B . 7.20 16.11 2.65
H7 V2M B . 6.00 15.37 0.14
H8 V2M B . 5.76 19.15 -1.74
H9 V2M B . 4.00 17.86 -2.82
H10 V2M B . 2.88 15.48 -3.45
H11 V2M B . 1.93 16.73 -5.50
H12 V2M B . 3.09 18.02 -5.21
H13 V2M B . 2.18 18.32 -2.94
H14 V2M B . 0.48 19.76 -3.73
H15 V2M B . -0.28 18.50 -4.70
H16 V2M B . 1.18 19.31 -5.29
H17 V2M B . 1.08 16.38 -2.22
H18 V2M B . -0.31 17.34 -2.74
H19 V2M B . 0.35 16.08 -3.80
H20 V2M B . 3.03 13.96 -5.10
H21 V2M B . 5.33 14.29 -6.89
H22 V2M B . 5.59 11.69 -6.65
H23 V2M B . 4.35 11.75 -5.39
H24 V2M B . 5.84 13.24 -3.99
H25 V2M B . 7.49 14.32 -5.37
H26 V2M B . 7.69 12.90 -6.41
H27 V2M B . 9.54 12.43 -5.01
H28 V2M B . 8.91 13.42 -3.69
H29 V2M B . 8.56 10.79 -3.34
H31 V2M B . 5.37 13.00 -8.83
H32 V2M B . 4.14 15.16 -8.45
H33 V2M B . 2.68 15.04 -7.45
H34 V2M B . 1.74 13.96 -9.30
C ACY C . 15.95 -7.56 -0.79
O ACY C . 15.62 -8.09 -1.88
OXT ACY C . 16.32 -6.35 -0.56
CH3 ACY C . 15.87 -8.52 0.44
H1 ACY C . 15.65 -8.01 1.23
H2 ACY C . 16.73 -8.95 0.55
H3 ACY C . 15.19 -9.19 0.28
C ACY D . -3.31 -24.87 16.48
O ACY D . -3.82 -24.64 15.33
OXT ACY D . -2.32 -25.61 16.80
CH3 ACY D . -3.99 -24.14 17.65
H1 ACY D . -4.07 -24.75 18.40
H2 ACY D . -4.86 -23.84 17.38
H3 ACY D . -3.44 -23.38 17.90
O1 PG4 E . -2.11 -10.14 2.61
C1 PG4 E . -2.71 -10.75 1.48
C2 PG4 E . -2.58 -9.91 0.24
O2 PG4 E . -1.27 -9.98 -0.23
C3 PG4 E . -1.03 -9.13 -1.35
C4 PG4 E . 0.34 -9.35 -1.87
O3 PG4 E . 0.45 -10.63 -2.41
C5 PG4 E . 1.80 -10.96 -2.78
C6 PG4 E . 1.77 -12.30 -3.42
O4 PG4 E . 1.50 -13.26 -2.41
C7 PG4 E . 0.77 -14.35 -2.95
C8 PG4 E . 1.67 -15.48 -3.33
O5 PG4 E . 0.85 -16.55 -3.81
HO1 PG4 E . -1.31 -9.96 2.39
H11 PG4 E . -3.64 -10.90 1.67
H12 PG4 E . -2.26 -11.61 1.33
H21 PG4 E . -2.81 -8.99 0.44
H22 PG4 E . -3.19 -10.24 -0.44
H31 PG4 E . -1.13 -8.20 -1.08
H32 PG4 E . -1.67 -9.32 -2.05
H41 PG4 E . 0.98 -9.25 -1.14
H42 PG4 E . 0.53 -8.69 -2.55
H51 PG4 E . 2.37 -10.99 -2.00
H52 PG4 E . 2.14 -10.31 -3.41
H61 PG4 E . 2.62 -12.49 -3.84
H62 PG4 E . 1.07 -12.33 -4.10
H71 PG4 E . 0.29 -14.04 -3.75
H72 PG4 E . 0.12 -14.66 -2.29
H81 PG4 E . 2.18 -15.77 -2.56
H82 PG4 E . 2.29 -15.19 -4.02
HO5 PG4 E . 0.15 -16.56 -3.34
C ACY F . 0.18 -18.99 -4.29
O ACY F . 1.38 -18.64 -4.07
OXT ACY F . -0.70 -19.46 -3.50
CH3 ACY F . -0.27 -18.81 -5.73
H1 ACY F . -0.05 -17.92 -6.04
H2 ACY F . 0.16 -19.47 -6.30
H3 ACY F . -1.24 -18.94 -5.78
C1 EDO G . 7.62 -26.24 19.88
O1 EDO G . 7.08 -27.55 20.08
C2 EDO G . 8.90 -26.16 20.69
O2 EDO G . 9.22 -24.84 21.15
H11 EDO G . 6.90 -25.48 20.21
H12 EDO G . 7.82 -26.07 18.82
HO1 EDO G . 6.67 -27.60 20.95
H21 EDO G . 9.72 -26.54 20.09
H22 EDO G . 8.80 -26.82 21.56
HO2 EDO G . 8.42 -24.31 21.20
C1 EDO H . 1.51 6.91 -22.83
O1 EDO H . 1.85 5.53 -22.67
C2 EDO H . 2.67 7.63 -23.50
O2 EDO H . 2.15 8.78 -24.19
H11 EDO H . 1.30 7.35 -21.86
H12 EDO H . 0.61 7.00 -23.45
HO1 EDO H . 1.04 5.00 -22.62
H21 EDO H . 3.16 6.97 -24.21
H22 EDO H . 3.39 7.94 -22.75
HO2 EDO H . 1.69 9.36 -23.56
O1 PG4 I . -20.34 8.03 -6.32
C1 PG4 I . -19.76 8.80 -5.30
C2 PG4 I . -19.06 7.96 -4.28
O2 PG4 I . -18.71 6.72 -4.84
C3 PG4 I . -18.11 5.83 -3.91
C4 PG4 I . -17.48 4.69 -4.62
O3 PG4 I . -16.54 5.18 -5.56
C5 PG4 I . -15.72 4.09 -5.96
C6 PG4 I . -14.59 4.62 -6.79
O4 PG4 I . -15.06 5.15 -7.96
C7 PG4 I . -14.00 5.92 -8.48
C8 PG4 I . -14.29 6.27 -9.90
O5 PG4 I . -15.50 6.98 -9.98
HO1 PG4 I . -19.76 7.44 -6.55
H11 PG4 I . -19.12 9.42 -5.69
H12 PG4 I . -20.47 9.31 -4.86
H21 PG4 I . -19.66 7.81 -3.52
H22 PG4 I . -18.27 8.42 -3.98
H31 PG4 I . -18.79 5.51 -3.30
H32 PG4 I . -17.43 6.32 -3.41
H41 PG4 I . -18.16 4.17 -5.08
H42 PG4 I . -17.02 4.12 -3.98
H51 PG4 I . -16.25 3.48 -6.49
H52 PG4 I . -15.37 3.63 -5.19
H61 PG4 I . -13.97 3.89 -6.98
H62 PG4 I . -14.13 5.31 -6.28
H71 PG4 I . -13.18 5.41 -8.43
H72 PG4 I . -13.90 6.73 -7.95
H81 PG4 I . -14.35 5.45 -10.43
H82 PG4 I . -13.57 6.82 -10.25
HO5 PG4 I . -16.09 6.45 -9.66
C1 EDO J . -21.20 12.78 -19.32
O1 EDO J . -19.86 12.99 -19.78
C2 EDO J . -21.13 12.08 -17.96
O2 EDO J . -20.91 13.02 -16.90
H11 EDO J . -21.75 12.17 -20.03
H12 EDO J . -21.72 13.73 -19.22
HO1 EDO J . -19.36 13.48 -19.11
H21 EDO J . -20.31 11.35 -17.97
H22 EDO J . -22.06 11.54 -17.78
HO2 EDO J . -20.22 13.65 -17.16
C1 PEG K . -5.61 5.35 10.10
O1 PEG K . -5.67 6.74 10.39
C2 PEG K . -5.14 5.08 8.71
O2 PEG K . -6.02 4.17 8.08
C3 PEG K . -6.25 4.42 6.71
C4 PEG K . -7.63 4.98 6.50
O4 PEG K . -7.61 6.43 6.58
H11 PEG K . -6.50 4.98 10.21
H12 PEG K . -5.00 4.94 10.72
HO1 PEG K . -4.97 7.17 10.13
H21 PEG K . -4.24 4.71 8.75
H22 PEG K . -5.12 5.92 8.21
H31 PEG K . -6.17 3.59 6.21
H32 PEG K . -5.59 5.06 6.39
H41 PEG K . -8.22 4.64 7.19
H42 PEG K . -7.96 4.72 5.63
HO4 PEG K . -7.80 6.82 5.85
C1 EDO L . -0.67 -27.13 3.37
O1 EDO L . -1.67 -27.92 4.03
C2 EDO L . 0.39 -28.08 2.84
O2 EDO L . 1.66 -27.46 2.58
H11 EDO L . -0.22 -26.43 4.08
H12 EDO L . -1.12 -26.56 2.55
HO1 EDO L . -1.71 -27.69 4.96
H21 EDO L . 0.54 -28.89 3.55
H22 EDO L . 0.02 -28.52 1.90
HO2 EDO L . 1.90 -26.89 3.32
C1 PEG M . 14.82 -4.50 5.16
O1 PEG M . 14.14 -3.29 4.87
C2 PEG M . 15.19 -4.55 6.61
O2 PEG M . 14.04 -4.29 7.41
C3 PEG M . 14.20 -4.67 8.77
C4 PEG M . 12.87 -5.04 9.33
O4 PEG M . 11.83 -4.33 8.66
H11 PEG M . 15.62 -4.56 4.61
H12 PEG M . 14.23 -5.24 4.96
HO1 PEG M . 13.59 -3.06 5.47
H21 PEG M . 15.87 -3.88 6.79
H22 PEG M . 15.54 -5.43 6.83
H31 PEG M . 14.58 -3.94 9.27
H32 PEG M . 14.80 -5.43 8.82
H41 PEG M . 12.85 -4.82 10.27
H42 PEG M . 12.73 -5.99 9.22
HO4 PEG M . 11.05 -4.54 8.94
C1 PEG N . -1.38 -29.82 8.24
O1 PEG N . -1.72 -29.29 9.51
C2 PEG N . -0.28 -30.84 8.31
O2 PEG N . 0.78 -30.37 9.14
C3 PEG N . 2.06 -30.95 8.86
C4 PEG N . 2.98 -29.90 8.30
O4 PEG N . 4.22 -29.81 9.01
H11 PEG N . -1.10 -29.10 7.66
H12 PEG N . -2.17 -30.25 7.86
HO1 PEG N . -1.06 -28.97 9.94
H21 PEG N . 0.07 -31.02 7.43
H22 PEG N . -0.62 -31.67 8.69
H31 PEG N . 1.95 -31.66 8.22
H32 PEG N . 2.43 -31.30 9.68
H41 PEG N . 2.53 -29.04 8.34
H42 PEG N . 3.17 -30.13 7.38
HO4 PEG N . 4.14 -29.58 9.83
#